data_2VGD
#
_entry.id   2VGD
#
_cell.length_a   76.470
_cell.length_b   76.470
_cell.length_c   102.600
_cell.angle_alpha   90.00
_cell.angle_beta   90.00
_cell.angle_gamma   90.00
#
_symmetry.space_group_name_H-M   'P 41 21 2'
#
loop_
_entity.id
_entity.type
_entity.pdbx_description
1 polymer ENXYN11A
2 branched beta-D-xylopyranose-(1-4)-beta-D-xylopyranose-(1-4)-beta-D-xylopyranose
3 branched beta-D-xylopyranose-(1-4)-beta-D-xylopyranose
4 non-polymer 'SODIUM ION'
5 non-polymer 5-O-[(2E)-3-(4-hydroxy-3-methoxyphenyl)prop-2-enoyl]-alpha-L-ribofuranose
6 non-polymer GLYCEROL
7 water water
#
_entity_poly.entity_id   1
_entity_poly.type   'polypeptide(L)'
_entity_poly.pdbx_seq_one_letter_code
;MISLKRVAALLCVAGLGMSAANAQTCLTSSQTGTNNGFYYSFWKDSPGTVNFCLQSGGRYTSNWSGINNWVGGKGWQTGS
RRNITYSGSFNSPGNGYLALYGWTTNPLVEYYVVDSWGSWRPPGSDGTFLGTVNSDGGTYDIYRAQRVNAPSIIGNATFY
QYWSVRQSKRVGGTITTGNHFDAWASVGLNLGTHNYQIMATEGYQSSGSSDITVSEGG
;
_entity_poly.pdbx_strand_id   A
#
# COMPACT_ATOMS: atom_id res chain seq x y z
N ALA A 23 4.89 19.86 12.22
CA ALA A 23 4.75 19.38 13.63
C ALA A 23 4.27 17.92 13.63
N GLN A 24 4.42 17.24 14.76
CA GLN A 24 4.19 15.79 14.79
C GLN A 24 2.92 15.43 15.57
N THR A 25 2.13 14.52 15.00
CA THR A 25 0.97 13.90 15.68
C THR A 25 1.08 12.38 15.55
N CYS A 26 1.40 11.72 16.67
CA CYS A 26 1.56 10.27 16.68
C CYS A 26 0.26 9.58 17.10
N LEU A 27 -0.11 8.56 16.32
CA LEU A 27 -1.34 7.78 16.52
C LEU A 27 -0.97 6.33 16.83
N THR A 28 -1.79 5.67 17.64
CA THR A 28 -1.54 4.26 17.98
C THR A 28 -2.74 3.34 17.71
N SER A 29 -3.90 3.93 17.43
CA SER A 29 -5.11 3.18 17.07
C SER A 29 -5.60 3.63 15.70
N SER A 30 -6.22 2.67 14.99
CA SER A 30 -6.73 2.89 13.61
C SER A 30 -7.48 4.20 13.50
N GLN A 31 -7.15 4.98 12.46
CA GLN A 31 -7.75 6.29 12.22
C GLN A 31 -7.51 6.73 10.78
N THR A 32 -8.45 7.53 10.26
CA THR A 32 -8.24 8.22 9.00
C THR A 32 -8.50 9.71 9.23
N GLY A 33 -8.02 10.54 8.30
CA GLY A 33 -8.30 11.96 8.32
C GLY A 33 -7.42 12.72 7.35
N THR A 34 -7.21 14.00 7.63
CA THR A 34 -6.34 14.83 6.82
C THR A 34 -5.31 15.51 7.71
N ASN A 35 -4.10 15.61 7.19
CA ASN A 35 -2.99 16.17 7.90
C ASN A 35 -2.11 16.90 6.91
N ASN A 36 -1.94 18.21 7.16
CA ASN A 36 -1.07 19.07 6.34
C ASN A 36 -1.34 18.98 4.84
N GLY A 37 -2.64 18.92 4.51
CA GLY A 37 -3.11 18.90 3.12
C GLY A 37 -3.16 17.52 2.46
N PHE A 38 -2.83 16.47 3.23
CA PHE A 38 -2.83 15.10 2.72
C PHE A 38 -3.78 14.25 3.53
N TYR A 39 -4.55 13.44 2.82
CA TYR A 39 -5.30 12.38 3.47
C TYR A 39 -4.34 11.34 4.09
N TYR A 40 -4.75 10.72 5.21
CA TYR A 40 -4.03 9.54 5.70
C TYR A 40 -5.03 8.48 6.11
N SER A 41 -4.58 7.22 6.01
CA SER A 41 -5.27 6.06 6.57
C SER A 41 -4.23 5.27 7.36
N PHE A 42 -4.61 4.85 8.55
CA PHE A 42 -3.76 4.04 9.41
C PHE A 42 -4.66 2.96 10.01
N TRP A 43 -4.29 1.69 9.80
CA TRP A 43 -5.05 0.57 10.37
C TRP A 43 -4.12 -0.50 10.94
N LYS A 44 -4.49 -1.07 12.08
CA LYS A 44 -3.86 -2.29 12.60
C LYS A 44 -4.94 -3.11 13.26
N ASP A 45 -4.76 -4.43 13.25
CA ASP A 45 -5.57 -5.31 14.12
C ASP A 45 -4.95 -5.24 15.54
N SER A 46 -5.52 -5.97 16.51
CA SER A 46 -5.18 -5.71 17.94
C SER A 46 -3.72 -5.94 18.45
N PRO A 47 -3.04 -7.05 18.03
CA PRO A 47 -1.74 -7.32 18.67
C PRO A 47 -0.68 -6.24 18.43
N GLY A 48 0.24 -6.12 19.38
CA GLY A 48 1.42 -5.28 19.24
C GLY A 48 1.16 -3.78 19.20
N THR A 49 2.18 -3.05 18.74
CA THR A 49 2.15 -1.59 18.77
C THR A 49 2.58 -1.00 17.42
N VAL A 50 1.84 0.01 16.97
CA VAL A 50 2.30 0.86 15.87
C VAL A 50 2.23 2.30 16.32
N ASN A 51 3.35 3.01 16.18
CA ASN A 51 3.37 4.45 16.38
C ASN A 51 3.45 5.08 14.98
N PHE A 52 2.28 5.56 14.55
CA PHE A 52 2.10 6.11 13.21
C PHE A 52 2.11 7.63 13.39
N CYS A 53 3.23 8.26 13.02
CA CYS A 53 3.45 9.68 13.34
C CYS A 53 3.35 10.58 12.10
N LEU A 54 2.33 11.43 12.11
CA LEU A 54 2.06 12.39 11.03
C LEU A 54 3.04 13.56 11.15
N GLN A 55 3.70 13.89 10.05
CA GLN A 55 4.71 14.96 10.01
C GLN A 55 4.28 16.07 9.06
N SER A 56 5.11 17.12 8.92
CA SER A 56 4.80 18.22 7.99
C SER A 56 4.64 17.74 6.53
N GLY A 57 3.85 18.47 5.76
CA GLY A 57 3.67 18.24 4.32
C GLY A 57 3.14 16.85 4.05
N GLY A 58 3.76 16.15 3.09
CA GLY A 58 3.33 14.79 2.72
C GLY A 58 4.04 13.68 3.46
N ARG A 59 4.64 14.01 4.60
CA ARG A 59 5.48 13.06 5.31
C ARG A 59 4.75 12.34 6.46
N TYR A 60 5.06 11.06 6.63
CA TYR A 60 4.70 10.33 7.84
C TYR A 60 5.86 9.40 8.22
N THR A 61 5.92 9.04 9.49
CA THR A 61 6.81 7.96 9.93
C THR A 61 6.00 6.86 10.57
N SER A 62 6.56 5.66 10.56
CA SER A 62 5.99 4.56 11.32
C SER A 62 7.06 3.76 12.06
N ASN A 63 6.64 3.13 13.14
CA ASN A 63 7.40 2.05 13.71
C ASN A 63 6.40 1.06 14.23
N TRP A 64 6.71 -0.21 14.04
CA TRP A 64 5.83 -1.28 14.46
C TRP A 64 6.62 -2.36 15.18
N SER A 65 5.94 -3.06 16.09
CA SER A 65 6.57 -4.05 16.95
C SER A 65 5.53 -5.06 17.45
N GLY A 66 5.77 -6.35 17.21
CA GLY A 66 4.89 -7.42 17.74
C GLY A 66 3.49 -7.42 17.14
N ILE A 67 3.34 -6.81 15.97
CA ILE A 67 2.02 -6.64 15.36
C ILE A 67 1.61 -7.93 14.64
N ASN A 68 0.32 -8.05 14.32
CA ASN A 68 -0.10 -9.11 13.43
C ASN A 68 -0.16 -8.54 11.99
N ASN A 69 -1.03 -7.56 11.77
CA ASN A 69 -1.10 -6.90 10.47
C ASN A 69 -1.44 -5.43 10.64
N TRP A 70 -0.75 -4.56 9.89
CA TRP A 70 -1.05 -3.13 9.89
C TRP A 70 -0.69 -2.55 8.52
N VAL A 71 -1.36 -1.47 8.13
CA VAL A 71 -1.03 -0.76 6.90
C VAL A 71 -1.46 0.70 7.06
N GLY A 72 -0.61 1.61 6.60
CA GLY A 72 -0.97 3.01 6.69
C GLY A 72 -0.05 3.92 5.92
N GLY A 73 -0.51 5.15 5.70
CA GLY A 73 0.29 6.12 4.97
C GLY A 73 -0.49 7.36 4.60
N LYS A 74 0.16 8.24 3.84
CA LYS A 74 -0.43 9.46 3.33
C LYS A 74 -0.72 9.40 1.84
N GLY A 75 -1.72 10.19 1.44
CA GLY A 75 -2.12 10.25 0.05
C GLY A 75 -3.36 11.06 -0.19
N TRP A 76 -4.37 10.38 -0.75
CA TRP A 76 -5.61 11.03 -1.23
C TRP A 76 -6.84 10.23 -0.81
N GLN A 77 -7.87 10.97 -0.39
CA GLN A 77 -9.14 10.37 0.01
C GLN A 77 -9.83 9.61 -1.13
N THR A 78 -9.64 10.12 -2.34
CA THR A 78 -10.17 9.51 -3.56
C THR A 78 -9.03 9.29 -4.54
N GLY A 79 -8.80 8.01 -4.84
CA GLY A 79 -7.77 7.64 -5.78
C GLY A 79 -8.12 8.07 -7.19
N SER A 80 -7.08 8.21 -8.02
CA SER A 80 -7.21 8.55 -9.44
C SER A 80 -6.02 8.01 -10.24
N ARG A 81 -5.94 8.42 -11.52
CA ARG A 81 -4.80 8.07 -12.38
C ARG A 81 -3.62 9.06 -12.20
N ARG A 82 -3.62 9.79 -11.09
CA ARG A 82 -2.52 10.70 -10.74
C ARG A 82 -1.16 9.98 -10.71
N ASN A 83 -0.11 10.70 -11.06
CA ASN A 83 1.26 10.17 -10.87
C ASN A 83 1.73 10.55 -9.48
N ILE A 84 2.24 9.55 -8.77
CA ILE A 84 2.54 9.73 -7.37
C ILE A 84 4.04 9.51 -7.18
N THR A 85 4.69 10.47 -6.53
CA THR A 85 6.09 10.37 -6.20
C THR A 85 6.29 10.23 -4.69
N TYR A 86 7.26 9.41 -4.29
CA TYR A 86 7.55 9.25 -2.88
C TYR A 86 9.07 9.12 -2.68
N SER A 87 9.48 9.31 -1.43
CA SER A 87 10.90 9.17 -1.08
C SER A 87 10.97 8.92 0.41
N GLY A 88 12.12 8.41 0.84
CA GLY A 88 12.37 8.17 2.24
C GLY A 88 13.10 6.87 2.48
N SER A 89 12.81 6.28 3.64
CA SER A 89 13.50 5.09 4.12
C SER A 89 12.48 4.07 4.61
N PHE A 90 12.91 2.81 4.52
CA PHE A 90 12.07 1.68 4.80
C PHE A 90 12.97 0.60 5.41
N ASN A 91 12.68 0.24 6.66
CA ASN A 91 13.53 -0.62 7.45
C ASN A 91 12.71 -1.83 7.91
N SER A 92 12.81 -2.93 7.17
CA SER A 92 11.96 -4.08 7.44
C SER A 92 12.74 -5.41 7.36
N PRO A 93 13.39 -5.81 8.47
CA PRO A 93 14.14 -7.09 8.48
C PRO A 93 13.22 -8.32 8.36
N GLY A 94 11.98 -8.19 8.82
CA GLY A 94 10.98 -9.22 8.66
C GLY A 94 9.99 -8.83 7.56
N ASN A 95 8.77 -9.34 7.65
CA ASN A 95 7.78 -9.17 6.57
C ASN A 95 7.14 -7.77 6.64
N GLY A 96 7.49 -6.94 5.65
CA GLY A 96 6.86 -5.63 5.46
C GLY A 96 6.87 -5.25 4.00
N TYR A 97 5.99 -4.32 3.63
CA TYR A 97 5.90 -3.84 2.23
C TYR A 97 5.94 -2.33 2.20
N LEU A 98 6.50 -1.80 1.12
CA LEU A 98 6.42 -0.39 0.78
C LEU A 98 5.75 -0.32 -0.58
N ALA A 99 4.55 0.23 -0.61
CA ALA A 99 3.66 0.13 -1.80
C ALA A 99 2.69 1.29 -1.92
N LEU A 100 2.44 1.70 -3.16
CA LEU A 100 1.20 2.43 -3.43
C LEU A 100 0.08 1.43 -3.11
N TYR A 101 -0.94 1.95 -2.43
CA TYR A 101 -1.95 1.07 -1.81
C TYR A 101 -3.32 1.77 -1.85
N GLY A 102 -4.36 1.03 -2.24
CA GLY A 102 -5.67 1.66 -2.27
C GLY A 102 -6.81 0.66 -2.40
N TRP A 103 -8.02 1.20 -2.43
CA TRP A 103 -9.22 0.39 -2.54
C TRP A 103 -10.16 0.95 -3.59
N THR A 104 -10.97 0.05 -4.14
CA THR A 104 -12.17 0.48 -4.85
C THR A 104 -13.38 -0.23 -4.23
N THR A 105 -14.57 0.28 -4.51
CA THR A 105 -15.82 -0.44 -4.21
C THR A 105 -16.55 -0.71 -5.55
N ASN A 106 -17.36 -1.76 -5.58
CA ASN A 106 -18.15 -2.12 -6.79
C ASN A 106 -17.38 -2.35 -8.09
N PRO A 107 -16.48 -3.34 -8.10
CA PRO A 107 -16.22 -4.30 -7.02
C PRO A 107 -15.28 -3.78 -5.90
N LEU A 108 -15.37 -4.42 -4.73
CA LEU A 108 -14.41 -4.21 -3.65
C LEU A 108 -13.08 -4.79 -4.08
N VAL A 109 -12.05 -3.93 -4.18
CA VAL A 109 -10.74 -4.36 -4.59
C VAL A 109 -9.72 -3.67 -3.70
N GLU A 110 -8.77 -4.45 -3.21
CA GLU A 110 -7.58 -3.89 -2.52
C GLU A 110 -6.42 -4.02 -3.50
N TYR A 111 -5.73 -2.91 -3.79
CA TYR A 111 -4.64 -2.98 -4.78
C TYR A 111 -3.28 -2.48 -4.24
N TYR A 112 -2.22 -2.96 -4.88
CA TYR A 112 -0.83 -2.66 -4.47
C TYR A 112 0.04 -2.43 -5.69
N VAL A 113 0.90 -1.40 -5.62
CA VAL A 113 2.08 -1.33 -6.49
C VAL A 113 3.29 -1.39 -5.53
N VAL A 114 3.87 -2.58 -5.39
CA VAL A 114 4.93 -2.83 -4.39
C VAL A 114 6.28 -2.46 -4.99
N ASP A 115 6.98 -1.49 -4.40
CA ASP A 115 8.33 -1.14 -4.82
C ASP A 115 9.42 -1.84 -4.00
N SER A 116 9.14 -2.06 -2.73
CA SER A 116 10.08 -2.76 -1.87
C SER A 116 9.35 -3.66 -0.87
N TRP A 117 10.12 -4.57 -0.27
CA TRP A 117 9.59 -5.45 0.74
C TRP A 117 10.74 -5.87 1.67
N GLY A 118 10.41 -6.59 2.71
CA GLY A 118 11.41 -7.04 3.67
C GLY A 118 11.88 -8.43 3.32
N SER A 119 11.53 -9.37 4.17
CA SER A 119 12.05 -10.73 4.11
C SER A 119 11.34 -11.61 3.10
N TRP A 120 10.14 -11.20 2.70
CA TRP A 120 9.22 -12.04 1.93
C TRP A 120 8.62 -11.26 0.77
N ARG A 121 8.87 -11.71 -0.45
CA ARG A 121 8.32 -11.06 -1.65
C ARG A 121 6.84 -11.43 -1.82
N PRO A 122 5.94 -10.43 -1.72
CA PRO A 122 4.50 -10.72 -1.88
C PRO A 122 4.13 -10.99 -3.37
N PRO A 123 2.94 -11.55 -3.63
CA PRO A 123 1.91 -12.03 -2.70
C PRO A 123 2.01 -13.52 -2.27
N GLY A 124 3.09 -14.20 -2.66
CA GLY A 124 3.23 -15.64 -2.35
C GLY A 124 2.38 -16.51 -3.26
N SER A 125 2.18 -17.76 -2.86
CA SER A 125 1.43 -18.73 -3.68
C SER A 125 -0.07 -18.44 -3.85
N ASP A 126 -0.63 -17.63 -2.97
CA ASP A 126 -2.02 -17.23 -3.14
CA ASP A 126 -2.02 -17.26 -3.17
C ASP A 126 -2.18 -16.16 -4.25
N GLY A 127 -1.08 -15.73 -4.83
CA GLY A 127 -1.10 -14.90 -6.04
C GLY A 127 -1.03 -15.71 -7.31
N THR A 128 -1.96 -15.44 -8.22
CA THR A 128 -1.94 -15.99 -9.57
C THR A 128 -1.21 -15.02 -10.49
N PHE A 129 -0.08 -15.45 -11.03
CA PHE A 129 0.69 -14.64 -11.97
C PHE A 129 -0.06 -14.41 -13.30
N LEU A 130 -0.20 -13.16 -13.71
CA LEU A 130 -0.96 -12.83 -14.94
C LEU A 130 -0.16 -12.13 -16.06
N GLY A 131 1.07 -11.74 -15.76
CA GLY A 131 1.88 -11.04 -16.76
C GLY A 131 2.79 -10.03 -16.09
N THR A 132 3.37 -9.14 -16.91
CA THR A 132 4.27 -8.10 -16.40
C THR A 132 3.88 -6.77 -17.00
N VAL A 133 4.28 -5.68 -16.33
CA VAL A 133 4.16 -4.31 -16.86
C VAL A 133 5.47 -3.58 -16.59
N ASN A 134 5.95 -2.85 -17.61
CA ASN A 134 7.06 -1.91 -17.46
C ASN A 134 6.53 -0.54 -17.12
N SER A 135 7.01 0.04 -16.02
CA SER A 135 6.62 1.41 -15.64
C SER A 135 7.71 2.03 -14.78
N ASP A 136 8.01 3.32 -15.02
CA ASP A 136 8.94 4.08 -14.15
C ASP A 136 10.26 3.39 -13.95
N GLY A 137 10.79 2.86 -15.07
CA GLY A 137 12.12 2.26 -15.09
C GLY A 137 12.20 0.86 -14.51
N GLY A 138 11.07 0.35 -14.02
CA GLY A 138 11.01 -0.98 -13.42
C GLY A 138 10.13 -1.95 -14.19
N THR A 139 10.29 -3.23 -13.90
CA THR A 139 9.41 -4.25 -14.45
C THR A 139 8.70 -4.88 -13.25
N TYR A 140 7.37 -4.94 -13.33
CA TYR A 140 6.53 -5.43 -12.24
C TYR A 140 5.78 -6.69 -12.64
N ASP A 141 5.78 -7.68 -11.77
CA ASP A 141 4.96 -8.88 -11.95
C ASP A 141 3.52 -8.59 -11.50
N ILE A 142 2.54 -9.00 -12.30
CA ILE A 142 1.11 -8.77 -12.00
C ILE A 142 0.47 -10.04 -11.42
N TYR A 143 -0.27 -9.88 -10.31
CA TYR A 143 -0.95 -11.02 -9.66
C TYR A 143 -2.36 -10.64 -9.24
N ARG A 144 -3.25 -11.64 -9.29
CA ARG A 144 -4.52 -11.58 -8.56
C ARG A 144 -4.47 -12.57 -7.37
N ALA A 145 -4.93 -12.13 -6.22
CA ALA A 145 -5.03 -12.99 -5.02
C ALA A 145 -6.42 -12.78 -4.45
N GLN A 146 -6.91 -13.74 -3.66
CA GLN A 146 -8.23 -13.58 -3.06
C GLN A 146 -8.10 -13.59 -1.54
N ARG A 147 -8.75 -12.62 -0.90
CA ARG A 147 -8.81 -12.54 0.55
C ARG A 147 -10.16 -13.09 0.97
N VAL A 148 -10.16 -14.03 1.92
CA VAL A 148 -11.41 -14.72 2.32
C VAL A 148 -11.79 -14.33 3.75
N ASN A 149 -12.98 -13.76 3.88
CA ASN A 149 -13.47 -13.27 5.17
C ASN A 149 -12.39 -12.47 5.88
N ALA A 150 -11.88 -11.45 5.19
CA ALA A 150 -10.74 -10.66 5.67
C ALA A 150 -11.19 -9.22 5.99
N PRO A 151 -10.43 -8.51 6.87
CA PRO A 151 -10.77 -7.11 7.11
C PRO A 151 -10.74 -6.30 5.81
N SER A 152 -11.59 -5.28 5.72
CA SER A 152 -11.65 -4.42 4.54
C SER A 152 -12.24 -3.07 4.91
N ILE A 153 -12.21 -2.13 3.97
CA ILE A 153 -12.82 -0.81 4.19
C ILE A 153 -14.35 -0.88 4.39
N ILE A 154 -14.96 -2.04 4.11
CA ILE A 154 -16.41 -2.22 4.31
C ILE A 154 -16.73 -3.30 5.36
N GLY A 155 -15.72 -3.66 6.16
CA GLY A 155 -15.86 -4.75 7.14
C GLY A 155 -15.43 -6.08 6.56
N ASN A 156 -15.52 -7.14 7.36
CA ASN A 156 -15.10 -8.45 6.90
C ASN A 156 -15.75 -8.78 5.57
N ALA A 157 -14.95 -9.28 4.63
CA ALA A 157 -15.43 -9.49 3.27
C ALA A 157 -14.54 -10.49 2.53
N THR A 158 -15.04 -10.95 1.39
CA THR A 158 -14.26 -11.82 0.51
C THR A 158 -14.10 -11.08 -0.81
N PHE A 159 -12.85 -10.85 -1.21
CA PHE A 159 -12.59 -9.93 -2.32
C PHE A 159 -11.23 -10.26 -2.98
N TYR A 160 -11.04 -9.73 -4.20
CA TYR A 160 -9.77 -9.84 -4.89
C TYR A 160 -8.82 -8.68 -4.58
N GLN A 161 -7.54 -9.00 -4.58
CA GLN A 161 -6.45 -8.02 -4.58
C GLN A 161 -5.79 -8.02 -5.95
N TYR A 162 -5.44 -6.83 -6.45
CA TYR A 162 -4.64 -6.72 -7.68
C TYR A 162 -3.25 -6.23 -7.23
N TRP A 163 -2.21 -6.93 -7.69
CA TRP A 163 -0.84 -6.59 -7.28
C TRP A 163 0.03 -6.31 -8.52
N SER A 164 0.82 -5.23 -8.48
CA SER A 164 2.05 -5.14 -9.26
C SER A 164 3.21 -5.21 -8.23
N VAL A 165 4.17 -6.06 -8.50
CA VAL A 165 5.29 -6.25 -7.58
C VAL A 165 6.58 -6.09 -8.39
N ARG A 166 7.39 -5.11 -8.01
CA ARG A 166 8.63 -4.81 -8.72
C ARG A 166 9.54 -6.06 -8.67
N GLN A 167 10.20 -6.35 -9.79
CA GLN A 167 10.99 -7.59 -9.86
C GLN A 167 12.24 -7.49 -9.00
N SER A 168 12.70 -6.26 -8.75
CA SER A 168 13.75 -5.99 -7.76
C SER A 168 13.33 -4.78 -6.91
N LYS A 169 13.85 -4.69 -5.69
CA LYS A 169 13.50 -3.60 -4.78
C LYS A 169 13.97 -2.22 -5.24
N ARG A 170 13.15 -1.22 -4.95
CA ARG A 170 13.48 0.19 -5.11
C ARG A 170 12.85 0.93 -3.92
N VAL A 171 13.57 1.92 -3.39
CA VAL A 171 13.00 2.79 -2.34
C VAL A 171 13.08 4.25 -2.81
N GLY A 172 12.01 4.69 -3.46
CA GLY A 172 11.91 6.07 -3.94
C GLY A 172 11.72 6.18 -5.44
N GLY A 173 10.88 7.12 -5.84
CA GLY A 173 10.65 7.36 -7.23
C GLY A 173 9.19 7.64 -7.50
N THR A 174 8.83 7.57 -8.78
CA THR A 174 7.49 7.91 -9.22
C THR A 174 6.77 6.63 -9.63
N ILE A 175 5.49 6.59 -9.31
CA ILE A 175 4.61 5.52 -9.70
C ILE A 175 3.53 6.09 -10.64
N THR A 176 3.62 5.73 -11.92
CA THR A 176 2.66 6.17 -12.95
C THR A 176 1.48 5.20 -12.88
N THR A 177 0.53 5.57 -12.02
CA THR A 177 -0.58 4.68 -11.64
C THR A 177 -1.34 4.18 -12.88
N GLY A 178 -1.49 5.06 -13.87
CA GLY A 178 -2.22 4.75 -15.11
C GLY A 178 -1.65 3.51 -15.80
N ASN A 179 -0.33 3.35 -15.77
CA ASN A 179 0.33 2.18 -16.37
C ASN A 179 -0.08 0.87 -15.72
N HIS A 180 -0.16 0.89 -14.39
CA HIS A 180 -0.56 -0.28 -13.63
C HIS A 180 -2.06 -0.58 -13.84
N PHE A 181 -2.89 0.44 -13.71
CA PHE A 181 -4.35 0.26 -13.88
C PHE A 181 -4.66 -0.32 -15.26
N ASP A 182 -3.99 0.20 -16.29
CA ASP A 182 -4.21 -0.27 -17.67
C ASP A 182 -3.74 -1.73 -17.86
N ALA A 183 -2.57 -2.05 -17.30
CA ALA A 183 -2.03 -3.41 -17.37
C ALA A 183 -2.96 -4.41 -16.67
N TRP A 184 -3.45 -4.05 -15.49
CA TRP A 184 -4.39 -4.91 -14.76
C TRP A 184 -5.67 -5.14 -15.58
N ALA A 185 -6.21 -4.05 -16.12
CA ALA A 185 -7.41 -4.11 -16.97
C ALA A 185 -7.18 -5.07 -18.17
N SER A 186 -5.96 -5.06 -18.73
CA SER A 186 -5.64 -5.87 -19.90
C SER A 186 -5.62 -7.38 -19.59
N VAL A 187 -5.51 -7.72 -18.30
CA VAL A 187 -5.56 -9.13 -17.87
C VAL A 187 -6.83 -9.39 -17.03
N GLY A 188 -7.86 -8.59 -17.27
CA GLY A 188 -9.21 -8.85 -16.74
C GLY A 188 -9.48 -8.38 -15.32
N LEU A 189 -8.59 -7.54 -14.78
CA LEU A 189 -8.73 -7.04 -13.42
C LEU A 189 -9.36 -5.64 -13.45
N ASN A 190 -10.66 -5.60 -13.17
CA ASN A 190 -11.53 -4.41 -13.33
C ASN A 190 -11.47 -3.63 -12.01
N LEU A 191 -11.15 -2.35 -12.05
CA LEU A 191 -11.22 -1.52 -10.84
C LEU A 191 -12.65 -0.97 -10.67
N GLY A 192 -13.13 -0.86 -9.43
CA GLY A 192 -14.40 -0.22 -9.16
C GLY A 192 -14.33 1.30 -8.99
N THR A 193 -15.25 1.85 -8.18
CA THR A 193 -15.24 3.27 -7.82
C THR A 193 -14.12 3.54 -6.81
N HIS A 194 -13.22 4.47 -7.13
CA HIS A 194 -12.06 4.70 -6.26
C HIS A 194 -12.40 5.18 -4.84
N ASN A 195 -11.83 4.49 -3.86
CA ASN A 195 -11.79 4.93 -2.50
C ASN A 195 -10.36 5.48 -2.26
N TYR A 196 -9.79 5.37 -1.05
CA TYR A 196 -8.49 6.04 -0.81
C TYR A 196 -7.30 5.43 -1.58
N GLN A 197 -6.21 6.21 -1.64
CA GLN A 197 -5.03 5.85 -2.40
C GLN A 197 -3.86 6.52 -1.67
N ILE A 198 -2.97 5.69 -1.13
CA ILE A 198 -1.89 6.18 -0.24
C ILE A 198 -0.56 5.52 -0.57
N MET A 199 0.55 6.19 -0.21
CA MET A 199 1.86 5.54 -0.27
C MET A 199 2.07 4.87 1.08
N ALA A 200 1.85 3.55 1.10
CA ALA A 200 1.72 2.81 2.36
C ALA A 200 2.94 2.01 2.80
N THR A 201 3.04 1.85 4.12
CA THR A 201 3.91 0.88 4.72
C THR A 201 2.99 -0.20 5.31
N GLU A 202 3.31 -1.47 5.06
CA GLU A 202 2.53 -2.59 5.61
C GLU A 202 3.49 -3.50 6.36
N GLY A 203 3.04 -3.97 7.53
CA GLY A 203 3.77 -5.01 8.26
C GLY A 203 2.94 -6.26 8.52
N TYR A 204 3.59 -7.41 8.49
CA TYR A 204 2.94 -8.68 8.84
C TYR A 204 3.80 -9.52 9.79
N GLN A 205 3.29 -9.70 11.01
CA GLN A 205 3.93 -10.50 12.06
C GLN A 205 5.42 -10.19 12.13
N SER A 206 5.71 -8.90 12.31
CA SER A 206 7.06 -8.38 12.22
C SER A 206 7.26 -7.08 13.02
N SER A 207 8.47 -6.55 12.95
CA SER A 207 8.82 -5.26 13.54
C SER A 207 9.62 -4.47 12.52
N GLY A 208 9.50 -3.15 12.58
CA GLY A 208 10.24 -2.32 11.65
C GLY A 208 9.90 -0.85 11.74
N SER A 209 10.33 -0.09 10.75
CA SER A 209 10.09 1.34 10.69
C SER A 209 10.12 1.86 9.27
N SER A 210 9.54 3.03 9.06
CA SER A 210 9.64 3.71 7.76
C SER A 210 9.54 5.21 7.98
N ASP A 211 9.91 5.97 6.95
CA ASP A 211 9.83 7.42 6.98
C ASP A 211 9.63 7.80 5.53
N ILE A 212 8.40 8.20 5.19
CA ILE A 212 8.01 8.33 3.80
C ILE A 212 7.32 9.67 3.56
N THR A 213 7.72 10.32 2.46
CA THR A 213 7.12 11.58 2.00
C THR A 213 6.49 11.38 0.62
N VAL A 214 5.23 11.78 0.48
CA VAL A 214 4.48 11.64 -0.77
C VAL A 214 4.23 13.02 -1.42
N SER A 215 4.14 13.00 -2.75
CA SER A 215 3.64 14.13 -3.55
C SER A 215 2.98 13.64 -4.86
N GLU A 216 2.11 14.46 -5.48
CA GLU A 216 1.55 14.19 -6.83
C GLU A 216 2.05 15.11 -7.96
N GLY A 217 1.75 14.73 -9.21
CA GLY A 217 1.99 15.58 -10.39
C GLY A 217 3.30 15.28 -11.10
#